data_3QYX
#
_entry.id   3QYX
#
_cell.length_a   86.955
_cell.length_b   86.955
_cell.length_c   130.363
_cell.angle_alpha   90.00
_cell.angle_beta   90.00
_cell.angle_gamma   120.00
#
_symmetry.space_group_name_H-M   'P 32'
#
loop_
_entity.id
_entity.type
_entity.pdbx_description
1 polymer 'ESX-1 secretion-associated regulator EspR'
2 polymer "5'-D(*A*CP*GP*CP*CP*GP*AP*AP*TP*C)-3'"
#
loop_
_entity_poly.entity_id
_entity_poly.type
_entity_poly.pdbx_seq_one_letter_code
_entity_poly.pdbx_strand_id
1 'polypeptide(L)'
;GSSTTFAARLNRLFDTVYPPGRGPHTSAEVIAALKAEGITMSAPYLSQLRSGNRTNPSGATMAALANFFRIKAAYFTDDE
YYEKLDKELQWLCTMRDDGVRRIAQRAHGLPSAAQQKVLDRIDELRRAEGIDA
;
A,D,B,C
2 'polydeoxyribonucleotide' (DA)(DC)(DG)(DC)(DC)(DG)(DA)(DA)(DT)(DC) E
#
# COMPACT_ATOMS: atom_id res chain seq x y z
N SER A 3 -11.33 8.65 -7.66
CA SER A 3 -11.70 10.07 -7.71
C SER A 3 -11.09 10.77 -8.93
N THR A 4 -9.78 10.66 -9.08
CA THR A 4 -9.08 11.14 -10.27
C THR A 4 -9.10 10.01 -11.29
N THR A 5 -9.37 10.33 -12.55
CA THR A 5 -9.60 9.27 -13.53
C THR A 5 -8.31 8.51 -13.69
N PHE A 6 -8.32 7.45 -14.49
CA PHE A 6 -7.08 6.73 -14.73
C PHE A 6 -6.17 7.47 -15.70
N ALA A 7 -6.70 7.81 -16.87
CA ALA A 7 -5.88 8.37 -17.92
C ALA A 7 -5.17 9.65 -17.46
N ALA A 8 -5.74 10.32 -16.48
CA ALA A 8 -5.09 11.51 -15.96
C ALA A 8 -4.04 11.16 -14.93
N ARG A 9 -4.27 10.07 -14.19
CA ARG A 9 -3.27 9.52 -13.29
C ARG A 9 -2.02 9.21 -14.08
N LEU A 10 -2.24 8.68 -15.27
CA LEU A 10 -1.19 8.31 -16.20
C LEU A 10 -0.50 9.54 -16.81
N ASN A 11 -1.28 10.42 -17.39
CA ASN A 11 -0.66 11.59 -17.97
C ASN A 11 0.15 12.34 -16.97
N ARG A 12 -0.27 12.29 -15.71
CA ARG A 12 0.51 12.95 -14.67
C ARG A 12 1.89 12.33 -14.71
N LEU A 13 1.93 11.01 -14.85
CA LEU A 13 3.19 10.25 -14.89
C LEU A 13 4.06 10.67 -16.01
N PHE A 14 3.52 10.70 -17.21
CA PHE A 14 4.32 11.14 -18.34
C PHE A 14 4.89 12.53 -18.11
N ASP A 15 4.04 13.42 -17.65
CA ASP A 15 4.38 14.83 -17.60
C ASP A 15 5.38 15.15 -16.51
N THR A 16 5.37 14.43 -15.40
CA THR A 16 6.26 14.77 -14.29
C THR A 16 7.51 13.92 -14.21
N VAL A 17 7.32 12.60 -14.10
CA VAL A 17 8.44 11.67 -14.00
C VAL A 17 9.20 11.41 -15.30
N TYR A 18 10.49 11.73 -15.23
CA TYR A 18 11.42 11.42 -16.30
C TYR A 18 12.78 11.84 -15.78
N PRO A 19 13.82 11.35 -16.42
CA PRO A 19 15.23 11.48 -15.99
C PRO A 19 15.91 12.81 -16.24
N PRO A 20 16.92 13.09 -15.43
CA PRO A 20 17.71 14.32 -15.45
C PRO A 20 18.52 14.54 -16.73
N GLY A 21 18.70 15.80 -17.08
CA GLY A 21 19.37 16.24 -18.30
C GLY A 21 18.53 16.18 -19.56
N ARG A 22 17.31 15.68 -19.46
CA ARG A 22 16.53 15.50 -20.66
C ARG A 22 15.07 15.86 -20.41
N GLY A 23 14.29 15.80 -21.49
CA GLY A 23 12.86 16.08 -21.45
C GLY A 23 12.08 14.85 -21.08
N PRO A 24 10.75 14.92 -21.16
CA PRO A 24 9.97 13.83 -20.58
C PRO A 24 9.86 12.65 -21.51
N HIS A 25 9.24 11.58 -21.02
CA HIS A 25 9.20 10.37 -21.81
C HIS A 25 8.11 10.56 -22.81
N THR A 26 8.43 10.33 -24.07
CA THR A 26 7.42 10.39 -25.10
C THR A 26 6.62 9.10 -25.07
N SER A 27 5.61 9.01 -25.91
CA SER A 27 4.72 7.86 -25.85
C SER A 27 5.44 6.66 -26.41
N ALA A 28 6.13 6.84 -27.52
CA ALA A 28 6.76 5.71 -28.16
C ALA A 28 7.92 5.13 -27.34
N GLU A 29 8.68 6.01 -26.67
CA GLU A 29 9.81 5.58 -25.87
C GLU A 29 9.36 4.41 -25.04
N VAL A 30 8.12 4.50 -24.59
CA VAL A 30 7.57 3.51 -23.68
C VAL A 30 7.15 2.19 -24.30
N ILE A 31 6.52 2.21 -25.47
CA ILE A 31 6.19 0.95 -26.13
C ILE A 31 7.45 0.21 -26.57
N ALA A 32 8.50 0.98 -26.89
CA ALA A 32 9.79 0.43 -27.29
C ALA A 32 10.53 -0.21 -26.11
N ALA A 33 10.76 0.59 -25.07
CA ALA A 33 11.37 0.05 -23.86
C ALA A 33 10.49 -1.03 -23.30
N LEU A 34 9.23 -1.05 -23.72
CA LEU A 34 8.33 -2.09 -23.25
C LEU A 34 8.57 -3.31 -24.10
N LYS A 35 8.90 -3.11 -25.38
CA LYS A 35 9.24 -4.22 -26.27
C LYS A 35 10.51 -4.95 -25.83
N ALA A 36 11.57 -4.19 -25.64
CA ALA A 36 12.85 -4.76 -25.25
C ALA A 36 12.89 -5.41 -23.84
N GLU A 37 11.86 -5.15 -23.03
CA GLU A 37 11.73 -5.84 -21.75
C GLU A 37 10.85 -7.07 -21.97
N GLY A 38 10.49 -7.29 -23.23
CA GLY A 38 9.73 -8.46 -23.64
C GLY A 38 8.25 -8.39 -23.35
N ILE A 39 7.63 -7.25 -23.67
CA ILE A 39 6.18 -7.08 -23.52
C ILE A 39 5.57 -6.35 -24.71
N THR A 40 4.66 -7.02 -25.41
CA THR A 40 3.96 -6.37 -26.51
C THR A 40 2.93 -5.45 -25.89
N MET A 41 2.73 -4.29 -26.49
CA MET A 41 1.50 -3.52 -26.29
C MET A 41 1.23 -2.64 -27.51
N SER A 42 -0.04 -2.56 -27.88
CA SER A 42 -0.44 -1.75 -29.02
C SER A 42 -0.14 -0.29 -28.74
N ALA A 43 0.46 0.40 -29.72
CA ALA A 43 0.70 1.85 -29.58
C ALA A 43 -0.59 2.67 -29.55
N PRO A 44 -1.54 2.40 -30.46
CA PRO A 44 -2.82 3.12 -30.37
C PRO A 44 -3.63 2.71 -29.15
N TYR A 45 -3.33 1.57 -28.54
CA TYR A 45 -4.01 1.26 -27.30
C TYR A 45 -3.44 2.17 -26.24
N LEU A 46 -2.14 2.43 -26.30
CA LEU A 46 -1.60 3.43 -25.41
C LEU A 46 -2.33 4.71 -25.70
N SER A 47 -2.15 5.27 -26.89
CA SER A 47 -2.67 6.61 -27.19
C SER A 47 -4.13 6.72 -26.76
N GLN A 48 -4.92 5.69 -27.04
CA GLN A 48 -6.30 5.63 -26.54
C GLN A 48 -6.32 5.82 -25.03
N LEU A 49 -5.76 4.88 -24.29
CA LEU A 49 -5.72 4.97 -22.84
C LEU A 49 -5.30 6.35 -22.32
N ARG A 50 -4.21 6.86 -22.86
CA ARG A 50 -3.61 8.12 -22.45
C ARG A 50 -4.63 9.24 -22.67
N SER A 51 -5.24 9.23 -23.85
CA SER A 51 -6.14 10.29 -24.31
C SER A 51 -7.63 10.01 -24.02
N GLY A 52 -7.90 9.00 -23.21
CA GLY A 52 -9.23 8.86 -22.65
C GLY A 52 -10.17 8.13 -23.56
N ASN A 53 -9.73 7.89 -24.79
CA ASN A 53 -10.54 7.13 -25.76
C ASN A 53 -10.99 5.75 -25.24
N ARG A 54 -10.14 5.07 -24.45
CA ARG A 54 -10.51 3.80 -23.80
C ARG A 54 -10.09 3.78 -22.31
N THR A 55 -10.94 3.23 -21.45
CA THR A 55 -10.64 3.14 -20.01
C THR A 55 -10.83 1.73 -19.45
N ASN A 56 -10.66 1.56 -18.15
CA ASN A 56 -10.72 0.23 -17.55
C ASN A 56 -9.80 -0.77 -18.26
N PRO A 57 -8.48 -0.58 -18.13
CA PRO A 57 -7.42 -1.43 -18.67
C PRO A 57 -7.22 -2.68 -17.83
N SER A 58 -6.49 -3.66 -18.39
CA SER A 58 -6.25 -4.96 -17.76
C SER A 58 -5.51 -4.75 -16.48
N GLY A 59 -5.59 -5.72 -15.60
CA GLY A 59 -4.74 -5.68 -14.43
C GLY A 59 -3.29 -5.46 -14.86
N ALA A 60 -2.81 -6.29 -15.78
CA ALA A 60 -1.40 -6.28 -16.14
C ALA A 60 -0.99 -5.07 -16.98
N THR A 61 -1.93 -4.53 -17.75
CA THR A 61 -1.69 -3.34 -18.56
C THR A 61 -1.22 -2.20 -17.68
N MET A 62 -1.70 -2.16 -16.45
CA MET A 62 -1.31 -1.14 -15.48
C MET A 62 0.04 -1.46 -14.87
N ALA A 63 0.22 -2.73 -14.56
CA ALA A 63 1.46 -3.19 -13.96
C ALA A 63 2.68 -2.87 -14.83
N ALA A 64 2.49 -2.99 -16.15
CA ALA A 64 3.56 -2.74 -17.11
C ALA A 64 4.03 -1.28 -17.15
N LEU A 65 3.06 -0.37 -17.25
CA LEU A 65 3.33 1.06 -17.32
C LEU A 65 3.84 1.58 -16.01
N ALA A 66 3.34 1.02 -14.91
CA ALA A 66 3.83 1.46 -13.62
C ALA A 66 5.25 0.98 -13.47
N ASN A 67 5.54 -0.16 -14.07
CA ASN A 67 6.88 -0.67 -13.95
C ASN A 67 7.87 0.08 -14.81
N PHE A 68 7.37 0.66 -15.89
CA PHE A 68 8.23 1.47 -16.75
C PHE A 68 8.76 2.73 -16.07
N PHE A 69 7.97 3.36 -15.22
CA PHE A 69 8.39 4.61 -14.57
C PHE A 69 8.99 4.30 -13.22
N ARG A 70 8.99 3.03 -12.86
CA ARG A 70 9.57 2.58 -11.61
C ARG A 70 8.78 3.01 -10.37
N ILE A 71 7.46 3.15 -10.49
CA ILE A 71 6.60 3.31 -9.32
C ILE A 71 5.57 2.17 -9.18
N LYS A 72 5.04 2.01 -7.97
CA LYS A 72 4.22 0.85 -7.64
C LYS A 72 2.90 0.89 -8.42
N ALA A 73 2.41 -0.28 -8.86
CA ALA A 73 1.18 -0.31 -9.67
C ALA A 73 -0.05 0.06 -8.87
N ALA A 74 0.11 0.09 -7.55
CA ALA A 74 -0.98 0.39 -6.62
C ALA A 74 -1.41 1.83 -6.76
N TYR A 75 -0.51 2.66 -7.26
CA TYR A 75 -0.79 4.02 -7.65
C TYR A 75 -2.10 4.10 -8.42
N PHE A 76 -2.16 3.40 -9.55
CA PHE A 76 -3.39 3.36 -10.33
C PHE A 76 -4.58 2.85 -9.51
N THR A 77 -4.42 1.77 -8.77
CA THR A 77 -5.59 1.14 -8.12
C THR A 77 -6.03 1.70 -6.79
N ASP A 78 -5.20 1.50 -5.77
CA ASP A 78 -5.46 2.00 -4.43
C ASP A 78 -5.45 3.52 -4.44
N ASP A 79 -6.53 4.12 -3.92
CA ASP A 79 -6.66 5.56 -3.92
C ASP A 79 -5.77 6.18 -2.84
N GLU A 80 -5.73 5.53 -1.69
CA GLU A 80 -4.89 6.01 -0.62
C GLU A 80 -3.44 6.29 -1.07
N TYR A 81 -2.72 5.24 -1.48
CA TYR A 81 -1.31 5.34 -1.84
C TYR A 81 -1.08 6.38 -2.91
N TYR A 82 -2.01 6.49 -3.85
CA TYR A 82 -1.95 7.50 -4.90
C TYR A 82 -1.87 8.86 -4.25
N GLU A 83 -2.81 9.12 -3.34
CA GLU A 83 -2.80 10.34 -2.53
C GLU A 83 -1.40 10.53 -2.00
N LYS A 84 -0.99 9.62 -1.13
CA LYS A 84 0.34 9.65 -0.48
C LYS A 84 1.54 9.92 -1.39
N LEU A 85 1.43 9.46 -2.63
CA LEU A 85 2.50 9.61 -3.61
C LEU A 85 2.37 10.83 -4.51
N ASP A 86 1.22 11.50 -4.48
CA ASP A 86 1.03 12.64 -5.35
C ASP A 86 1.79 13.87 -4.88
N LYS A 87 1.81 14.07 -3.56
CA LYS A 87 2.52 15.20 -2.99
C LYS A 87 3.88 15.25 -3.64
N GLU A 88 4.42 14.05 -3.86
CA GLU A 88 5.76 13.79 -4.40
C GLU A 88 6.02 14.31 -5.81
N LEU A 89 5.19 13.89 -6.74
CA LEU A 89 5.36 14.39 -8.08
C LEU A 89 5.20 15.90 -8.08
N GLN A 90 4.24 16.39 -7.30
CA GLN A 90 4.06 17.84 -7.20
C GLN A 90 5.42 18.44 -6.82
N TRP A 91 6.08 17.72 -5.93
CA TRP A 91 7.39 18.15 -5.49
C TRP A 91 8.37 18.26 -6.62
N LEU A 92 8.57 17.20 -7.40
CA LEU A 92 9.59 17.35 -8.43
C LEU A 92 9.20 18.35 -9.50
N CYS A 93 7.91 18.58 -9.67
CA CYS A 93 7.47 19.63 -10.58
C CYS A 93 7.98 20.93 -10.02
N THR A 94 8.17 20.95 -8.69
CA THR A 94 8.69 22.14 -8.03
C THR A 94 10.19 22.35 -8.16
N MET A 95 10.97 21.31 -7.96
CA MET A 95 12.40 21.44 -8.03
C MET A 95 12.92 21.66 -9.45
N ARG A 96 12.06 21.52 -10.45
CA ARG A 96 12.36 21.99 -11.79
C ARG A 96 12.05 23.45 -12.11
N ASP A 97 11.01 24.02 -11.49
CA ASP A 97 10.70 25.42 -11.75
C ASP A 97 11.95 26.23 -11.43
N ASP A 98 12.38 27.04 -12.40
CA ASP A 98 13.64 27.75 -12.29
C ASP A 98 13.62 28.94 -11.32
N GLY A 99 12.47 29.60 -11.19
CA GLY A 99 12.33 30.66 -10.21
C GLY A 99 12.62 30.14 -8.80
N VAL A 100 11.93 29.07 -8.44
CA VAL A 100 12.15 28.43 -7.16
C VAL A 100 13.62 28.12 -6.96
N ARG A 101 14.28 27.72 -8.03
CA ARG A 101 15.69 27.39 -7.91
C ARG A 101 16.44 28.63 -7.48
N ARG A 102 16.37 29.66 -8.33
CA ARG A 102 17.23 30.82 -8.13
C ARG A 102 16.96 31.46 -6.79
N ILE A 103 15.76 31.22 -6.27
CA ILE A 103 15.44 31.62 -4.90
C ILE A 103 16.17 30.75 -3.87
N ALA A 104 16.00 29.43 -3.98
CA ALA A 104 16.53 28.51 -2.98
C ALA A 104 18.04 28.59 -2.88
N GLN A 105 18.69 28.85 -4.01
CA GLN A 105 20.15 28.81 -4.06
C GLN A 105 20.72 30.09 -3.48
N ARG A 106 19.82 30.97 -3.07
CA ARG A 106 20.15 32.24 -2.43
C ARG A 106 19.82 32.16 -0.95
N ALA A 107 18.59 31.80 -0.66
CA ALA A 107 18.14 31.48 0.69
C ALA A 107 18.90 30.33 1.39
N HIS A 108 19.70 29.59 0.62
CA HIS A 108 20.63 28.62 1.19
C HIS A 108 21.79 29.36 1.81
N GLY A 109 22.11 29.06 3.05
CA GLY A 109 23.22 29.73 3.70
C GLY A 109 22.74 30.71 4.73
N LEU A 110 21.43 30.92 4.79
CA LEU A 110 20.83 31.76 5.82
C LEU A 110 20.51 30.94 7.07
N PRO A 111 20.46 31.67 8.19
CA PRO A 111 20.19 31.18 9.55
C PRO A 111 18.71 30.86 9.82
N SER A 112 18.45 30.27 10.99
CA SER A 112 17.12 29.79 11.36
C SER A 112 15.94 30.77 11.41
N ALA A 113 16.09 31.98 11.96
CA ALA A 113 14.91 32.84 11.94
C ALA A 113 14.94 33.90 10.83
N ALA A 114 16.00 33.91 10.04
CA ALA A 114 16.03 34.80 8.88
C ALA A 114 15.22 34.15 7.77
N GLN A 115 15.40 32.85 7.63
CA GLN A 115 14.62 32.06 6.69
C GLN A 115 13.13 32.25 6.95
N GLN A 116 12.75 32.24 8.22
CA GLN A 116 11.35 32.42 8.61
C GLN A 116 10.80 33.76 8.16
N LYS A 117 11.55 34.82 8.48
CA LYS A 117 11.18 36.15 8.05
C LYS A 117 11.04 36.19 6.54
N VAL A 118 11.76 35.32 5.83
CA VAL A 118 11.61 35.20 4.38
C VAL A 118 10.30 34.54 3.97
N LEU A 119 10.07 33.35 4.53
CA LEU A 119 8.84 32.60 4.31
C LEU A 119 7.59 33.46 4.51
N ASP A 120 7.59 34.27 5.55
CA ASP A 120 6.44 35.11 5.81
C ASP A 120 6.18 36.05 4.65
N ARG A 121 7.19 36.80 4.24
CA ARG A 121 7.07 37.63 3.05
C ARG A 121 6.45 36.84 1.91
N ILE A 122 6.93 35.61 1.68
CA ILE A 122 6.37 34.80 0.59
C ILE A 122 4.87 34.66 0.79
N ASP A 123 4.47 34.45 2.03
CA ASP A 123 3.06 34.19 2.32
C ASP A 123 2.20 35.45 2.19
N GLU A 124 2.79 36.62 2.36
CA GLU A 124 2.08 37.89 2.18
C GLU A 124 1.98 38.27 0.71
N LEU A 125 2.95 37.83 -0.10
CA LEU A 125 2.78 38.01 -1.53
C LEU A 125 1.78 37.01 -2.08
N ARG A 126 1.74 35.81 -1.49
CA ARG A 126 0.76 34.82 -1.86
C ARG A 126 -0.64 35.32 -1.48
N ARG A 127 -0.75 35.85 -0.27
CA ARG A 127 -1.99 36.44 0.20
C ARG A 127 -2.40 37.51 -0.79
N ALA A 128 -1.42 38.33 -1.17
CA ALA A 128 -1.68 39.52 -1.96
C ALA A 128 -1.77 39.21 -3.44
N GLU A 129 -1.65 37.94 -3.80
CA GLU A 129 -1.84 37.57 -5.21
C GLU A 129 -3.19 36.97 -5.52
N GLY A 130 -4.02 36.77 -4.51
CA GLY A 130 -5.22 35.99 -4.71
C GLY A 130 -4.85 34.55 -5.01
N ILE A 131 -3.82 34.09 -4.32
CA ILE A 131 -3.33 32.73 -4.44
C ILE A 131 -3.64 32.01 -3.15
N ASP A 132 -3.06 32.50 -2.06
CA ASP A 132 -3.55 32.15 -0.74
C ASP A 132 -4.75 33.04 -0.52
N ALA A 133 -5.78 32.50 0.15
CA ALA A 133 -7.05 33.19 0.35
C ALA A 133 -6.86 34.66 0.64
N SER B 3 41.25 13.86 -13.00
CA SER B 3 39.96 14.47 -12.69
C SER B 3 39.28 13.78 -11.52
N THR B 4 38.23 13.04 -11.83
CA THR B 4 37.55 12.22 -10.83
C THR B 4 37.43 10.80 -11.35
N THR B 5 37.25 9.86 -10.42
CA THR B 5 37.35 8.44 -10.70
C THR B 5 36.16 8.00 -11.51
N PHE B 6 36.00 6.70 -11.67
CA PHE B 6 34.79 6.13 -12.23
C PHE B 6 33.93 5.57 -11.11
N ALA B 7 34.48 4.63 -10.36
CA ALA B 7 33.72 4.01 -9.29
C ALA B 7 32.99 5.04 -8.43
N ALA B 8 33.54 6.24 -8.29
CA ALA B 8 32.86 7.29 -7.54
C ALA B 8 31.78 7.98 -8.35
N ARG B 9 32.03 8.23 -9.63
CA ARG B 9 30.99 8.72 -10.55
C ARG B 9 29.79 7.79 -10.62
N LEU B 10 30.00 6.52 -10.30
CA LEU B 10 28.92 5.56 -10.33
C LEU B 10 28.06 5.67 -9.09
N ASN B 11 28.70 5.73 -7.93
CA ASN B 11 27.93 5.90 -6.72
C ASN B 11 27.20 7.23 -6.68
N ARG B 12 27.76 8.24 -7.34
CA ARG B 12 27.05 9.49 -7.51
C ARG B 12 25.65 9.14 -7.95
N LEU B 13 25.53 8.51 -9.11
CA LEU B 13 24.25 8.09 -9.64
C LEU B 13 23.44 7.28 -8.68
N PHE B 14 24.05 6.24 -8.12
CA PHE B 14 23.27 5.35 -7.29
C PHE B 14 22.51 6.13 -6.21
N ASP B 15 23.21 7.10 -5.64
CA ASP B 15 22.72 7.90 -4.53
C ASP B 15 21.80 9.06 -4.86
N THR B 16 22.10 9.78 -5.93
CA THR B 16 21.23 10.87 -6.32
C THR B 16 20.03 10.47 -7.18
N VAL B 17 20.22 9.57 -8.13
CA VAL B 17 19.13 9.21 -9.06
C VAL B 17 18.28 8.00 -8.62
N TYR B 18 17.04 8.27 -8.23
CA TYR B 18 16.06 7.22 -7.96
C TYR B 18 14.64 7.67 -8.30
N PRO B 19 13.67 6.76 -8.18
CA PRO B 19 12.32 7.16 -8.55
C PRO B 19 11.56 7.74 -7.36
N PRO B 20 10.36 8.27 -7.61
CA PRO B 20 9.57 8.88 -6.55
C PRO B 20 8.91 7.86 -5.64
N GLY B 21 8.80 8.22 -4.36
CA GLY B 21 8.11 7.38 -3.41
C GLY B 21 8.99 6.33 -2.75
N ARG B 22 10.30 6.46 -2.96
CA ARG B 22 11.26 5.53 -2.36
C ARG B 22 12.66 6.07 -2.35
N GLY B 23 13.56 5.28 -1.77
CA GLY B 23 14.98 5.60 -1.64
C GLY B 23 15.78 5.14 -2.84
N PRO B 24 17.12 5.01 -2.68
CA PRO B 24 18.00 4.72 -3.81
C PRO B 24 17.92 3.27 -4.22
N HIS B 25 18.40 2.94 -5.42
CA HIS B 25 18.34 1.59 -5.97
C HIS B 25 19.38 0.68 -5.30
N THR B 26 19.01 -0.58 -5.03
CA THR B 26 19.99 -1.55 -4.53
C THR B 26 20.78 -2.03 -5.72
N SER B 27 22.00 -2.49 -5.46
CA SER B 27 22.88 -2.92 -6.53
C SER B 27 22.27 -4.12 -7.25
N ALA B 28 21.52 -4.93 -6.51
CA ALA B 28 20.92 -6.14 -7.05
C ALA B 28 19.71 -5.86 -7.94
N GLU B 29 18.91 -4.87 -7.53
CA GLU B 29 17.77 -4.39 -8.30
C GLU B 29 18.25 -4.15 -9.72
N VAL B 30 19.43 -3.54 -9.80
CA VAL B 30 20.05 -3.28 -11.07
C VAL B 30 20.35 -4.47 -11.94
N ILE B 31 21.12 -5.43 -11.41
CA ILE B 31 21.62 -6.50 -12.26
C ILE B 31 20.42 -7.34 -12.63
N ALA B 32 19.45 -7.41 -11.72
CA ALA B 32 18.22 -8.16 -11.98
C ALA B 32 17.36 -7.50 -13.07
N ALA B 33 17.27 -6.17 -13.03
CA ALA B 33 16.61 -5.37 -14.06
C ALA B 33 17.28 -5.56 -15.43
N LEU B 34 18.61 -5.64 -15.40
CA LEU B 34 19.41 -5.90 -16.59
C LEU B 34 19.12 -7.27 -17.14
N LYS B 35 19.15 -8.27 -16.27
CA LYS B 35 18.77 -9.61 -16.67
C LYS B 35 17.42 -9.54 -17.38
N ALA B 36 16.49 -8.79 -16.81
CA ALA B 36 15.18 -8.58 -17.45
C ALA B 36 15.32 -8.09 -18.88
N GLU B 37 16.04 -6.99 -19.08
CA GLU B 37 16.29 -6.47 -20.43
C GLU B 37 16.89 -7.55 -21.35
N GLY B 38 17.56 -8.52 -20.75
CA GLY B 38 18.25 -9.57 -21.50
C GLY B 38 19.76 -9.54 -21.43
N ILE B 39 20.32 -8.49 -20.83
CA ILE B 39 21.75 -8.35 -20.59
C ILE B 39 22.21 -9.07 -19.32
N THR B 40 23.49 -9.44 -19.26
CA THR B 40 24.03 -10.20 -18.11
C THR B 40 25.20 -9.54 -17.38
N MET B 41 25.11 -9.47 -16.06
CA MET B 41 26.19 -8.94 -15.23
C MET B 41 26.16 -9.58 -13.84
N SER B 42 27.33 -9.70 -13.23
CA SER B 42 27.47 -10.40 -11.96
C SER B 42 27.54 -9.43 -10.82
N ALA B 43 26.72 -9.64 -9.79
CA ALA B 43 26.78 -8.75 -8.64
C ALA B 43 28.21 -8.60 -8.12
N PRO B 44 29.01 -9.68 -8.15
CA PRO B 44 30.42 -9.53 -7.78
C PRO B 44 31.16 -8.51 -8.66
N TYR B 45 30.89 -8.49 -9.97
CA TYR B 45 31.54 -7.52 -10.83
C TYR B 45 31.07 -6.14 -10.49
N LEU B 46 29.76 -5.96 -10.45
CA LEU B 46 29.24 -4.63 -10.16
C LEU B 46 29.82 -4.11 -8.84
N SER B 47 29.49 -4.78 -7.74
CA SER B 47 29.97 -4.36 -6.42
C SER B 47 31.48 -4.16 -6.48
N GLN B 48 32.14 -4.91 -7.35
CA GLN B 48 33.58 -4.80 -7.47
C GLN B 48 33.97 -3.49 -8.15
N LEU B 49 33.17 -3.06 -9.09
CA LEU B 49 33.40 -1.83 -9.82
C LEU B 49 33.19 -0.63 -8.94
N ARG B 50 32.20 -0.74 -8.07
CA ARG B 50 31.84 0.34 -7.14
C ARG B 50 32.82 0.42 -6.00
N SER B 51 33.30 -0.74 -5.55
CA SER B 51 34.36 -0.78 -4.56
C SER B 51 35.64 -0.10 -5.07
N GLY B 52 35.96 -0.30 -6.35
CA GLY B 52 37.20 0.21 -6.89
C GLY B 52 38.24 -0.88 -7.10
N ASN B 53 37.81 -2.14 -7.08
CA ASN B 53 38.72 -3.24 -7.39
C ASN B 53 38.69 -3.63 -8.84
N ARG B 54 37.88 -2.93 -9.61
CA ARG B 54 37.98 -3.03 -11.04
C ARG B 54 37.80 -1.63 -11.59
N THR B 55 38.45 -1.36 -12.72
CA THR B 55 38.40 -0.05 -13.36
C THR B 55 38.24 -0.20 -14.89
N ASN B 56 38.33 0.88 -15.66
CA ASN B 56 38.28 0.69 -17.12
C ASN B 56 37.16 -0.26 -17.60
N PRO B 57 35.91 -0.04 -17.19
CA PRO B 57 34.82 -0.96 -17.54
C PRO B 57 34.69 -1.15 -19.06
N SER B 58 34.09 -2.27 -19.48
CA SER B 58 33.92 -2.56 -20.90
C SER B 58 33.16 -1.38 -21.49
N GLY B 59 33.44 -1.04 -22.74
CA GLY B 59 32.68 0.01 -23.36
C GLY B 59 31.18 -0.19 -23.17
N ALA B 60 30.74 -1.43 -23.25
CA ALA B 60 29.32 -1.74 -23.24
C ALA B 60 28.76 -2.19 -21.90
N THR B 61 29.60 -2.26 -20.87
CA THR B 61 29.05 -2.31 -19.51
C THR B 61 28.67 -0.91 -19.06
N MET B 62 29.53 0.07 -19.36
CA MET B 62 29.18 1.48 -19.14
C MET B 62 27.82 1.80 -19.80
N ALA B 63 27.59 1.33 -21.01
CA ALA B 63 26.32 1.63 -21.64
C ALA B 63 25.17 0.78 -21.08
N ALA B 64 25.50 -0.38 -20.54
CA ALA B 64 24.47 -1.22 -19.94
C ALA B 64 23.95 -0.56 -18.68
N LEU B 65 24.81 0.21 -18.03
CA LEU B 65 24.46 0.95 -16.81
C LEU B 65 23.78 2.28 -17.08
N ALA B 66 24.30 3.04 -18.04
CA ALA B 66 23.73 4.35 -18.26
C ALA B 66 22.38 4.25 -18.97
N ASN B 67 22.05 3.10 -19.56
CA ASN B 67 20.72 2.93 -20.14
C ASN B 67 19.71 2.47 -19.10
N PHE B 68 20.22 2.00 -17.98
CA PHE B 68 19.36 1.65 -16.86
C PHE B 68 18.97 2.86 -16.05
N PHE B 69 19.91 3.77 -15.87
CA PHE B 69 19.64 5.02 -15.19
C PHE B 69 19.04 6.04 -16.15
N ARG B 70 18.92 5.62 -17.40
CA ARG B 70 18.33 6.43 -18.46
C ARG B 70 19.05 7.75 -18.68
N ILE B 71 20.33 7.78 -18.34
CA ILE B 71 21.17 8.95 -18.62
C ILE B 71 22.10 8.64 -19.80
N LYS B 72 22.87 9.64 -20.21
CA LYS B 72 23.77 9.46 -21.36
C LYS B 72 25.05 8.80 -20.90
N ALA B 73 25.54 7.80 -21.64
CA ALA B 73 26.74 7.07 -21.22
C ALA B 73 27.96 7.99 -21.27
N ALA B 74 27.85 9.05 -22.06
CA ALA B 74 28.89 10.06 -22.14
C ALA B 74 29.13 10.68 -20.77
N TYR B 75 28.21 10.40 -19.86
CA TYR B 75 28.34 10.89 -18.50
C TYR B 75 29.64 10.37 -17.88
N PHE B 76 29.95 9.12 -18.19
CA PHE B 76 31.08 8.43 -17.59
C PHE B 76 32.41 8.80 -18.22
N THR B 77 32.37 9.04 -19.52
CA THR B 77 33.57 9.34 -20.31
C THR B 77 33.92 10.83 -20.34
N ASP B 78 33.05 11.63 -20.97
CA ASP B 78 33.23 13.08 -21.08
C ASP B 78 33.36 13.72 -19.70
N ASP B 79 34.41 14.50 -19.50
CA ASP B 79 34.69 15.11 -18.21
C ASP B 79 34.07 16.50 -18.07
N GLU B 80 33.46 17.00 -19.14
CA GLU B 80 32.76 18.28 -19.12
C GLU B 80 31.28 18.17 -18.88
N TYR B 81 30.65 17.36 -19.73
CA TYR B 81 29.26 17.03 -19.64
C TYR B 81 29.03 16.26 -18.34
N TYR B 82 30.06 15.66 -17.78
CA TYR B 82 29.91 15.06 -16.46
C TYR B 82 29.51 16.16 -15.52
N GLU B 83 30.26 17.25 -15.53
CA GLU B 83 30.04 18.40 -14.64
C GLU B 83 28.73 19.13 -14.93
N LYS B 84 28.48 19.35 -16.21
CA LYS B 84 27.22 19.93 -16.70
C LYS B 84 25.97 19.17 -16.23
N LEU B 85 26.02 17.86 -16.34
CA LEU B 85 24.91 17.07 -15.86
C LEU B 85 25.12 16.68 -14.40
N ASP B 86 26.20 17.13 -13.80
CA ASP B 86 26.36 16.96 -12.38
C ASP B 86 25.58 18.07 -11.73
N LYS B 87 25.59 19.23 -12.36
CA LYS B 87 24.86 20.35 -11.80
C LYS B 87 23.46 19.87 -11.53
N GLU B 88 22.85 19.26 -12.52
CA GLU B 88 21.47 18.86 -12.38
C GLU B 88 21.30 17.88 -11.22
N LEU B 89 22.40 17.34 -10.70
CA LEU B 89 22.38 16.36 -9.62
C LEU B 89 22.58 17.03 -8.27
N GLN B 90 23.71 17.73 -8.16
CA GLN B 90 24.07 18.50 -6.98
C GLN B 90 22.91 19.41 -6.71
N TRP B 91 22.03 19.49 -7.70
CA TRP B 91 20.84 20.30 -7.64
C TRP B 91 19.71 19.61 -6.88
N LEU B 92 19.28 18.47 -7.39
CA LEU B 92 18.20 17.73 -6.78
C LEU B 92 18.47 17.62 -5.28
N CYS B 93 19.73 17.52 -4.91
CA CYS B 93 20.10 17.31 -3.50
C CYS B 93 19.96 18.53 -2.57
N THR B 94 20.56 19.66 -2.94
CA THR B 94 20.63 20.81 -2.04
C THR B 94 19.23 21.11 -1.53
N MET B 95 18.24 20.72 -2.31
CA MET B 95 16.85 20.92 -1.98
C MET B 95 16.33 20.00 -0.89
N ARG B 96 16.39 18.70 -1.13
CA ARG B 96 15.72 17.77 -0.24
C ARG B 96 16.00 18.07 1.22
N ASP B 97 17.14 18.70 1.50
CA ASP B 97 17.37 19.29 2.81
C ASP B 97 16.23 20.29 3.13
N ASP B 98 15.57 20.09 4.28
CA ASP B 98 14.27 20.71 4.58
C ASP B 98 14.30 22.08 5.25
N GLY B 99 15.49 22.66 5.38
CA GLY B 99 15.56 24.06 5.75
C GLY B 99 14.80 24.79 4.66
N VAL B 100 15.16 24.46 3.42
CA VAL B 100 14.62 25.10 2.24
C VAL B 100 13.38 24.44 1.65
N ARG B 101 13.08 23.23 2.06
CA ARG B 101 11.96 22.51 1.46
C ARG B 101 10.72 23.38 1.60
N ARG B 102 10.47 23.75 2.85
CA ARG B 102 9.30 24.51 3.23
C ARG B 102 9.20 25.79 2.40
N ILE B 103 10.26 26.59 2.46
CA ILE B 103 10.40 27.84 1.69
C ILE B 103 10.11 27.65 0.22
N ALA B 104 10.59 26.55 -0.34
CA ALA B 104 10.57 26.39 -1.78
C ALA B 104 9.21 25.99 -2.25
N GLN B 105 8.45 25.27 -1.42
CA GLN B 105 7.10 24.94 -1.83
C GLN B 105 6.20 26.15 -2.06
N ARG B 106 6.33 27.16 -1.20
CA ARG B 106 5.45 28.32 -1.26
C ARG B 106 5.74 29.21 -2.44
N ALA B 107 6.93 29.10 -3.02
CA ALA B 107 7.33 30.03 -4.07
C ALA B 107 6.77 29.68 -5.43
N HIS B 108 6.25 28.48 -5.58
CA HIS B 108 5.76 28.05 -6.86
C HIS B 108 4.46 28.77 -7.15
N GLY B 109 4.28 29.22 -8.39
CA GLY B 109 3.01 29.84 -8.79
C GLY B 109 2.97 31.35 -8.67
N LEU B 110 3.81 31.91 -7.80
CA LEU B 110 3.96 33.35 -7.72
C LEU B 110 4.40 33.92 -9.06
N PRO B 111 3.60 34.84 -9.61
CA PRO B 111 3.91 35.41 -10.92
C PRO B 111 5.37 35.78 -10.97
N SER B 112 5.97 35.62 -12.14
CA SER B 112 7.40 35.85 -12.26
C SER B 112 7.69 37.30 -11.89
N ALA B 113 6.65 38.10 -11.78
CA ALA B 113 6.79 39.45 -11.23
C ALA B 113 7.01 39.41 -9.72
N ALA B 114 6.09 38.75 -9.01
CA ALA B 114 6.08 38.74 -7.56
C ALA B 114 7.31 38.06 -7.00
N GLN B 115 7.72 36.97 -7.65
CA GLN B 115 8.93 36.28 -7.26
C GLN B 115 10.07 37.28 -7.07
N GLN B 116 10.25 38.17 -8.04
CA GLN B 116 11.31 39.15 -7.98
C GLN B 116 11.34 39.82 -6.60
N LYS B 117 10.18 40.27 -6.15
CA LYS B 117 10.07 40.95 -4.86
C LYS B 117 10.53 40.08 -3.69
N VAL B 118 10.51 38.77 -3.88
CA VAL B 118 11.03 37.84 -2.89
C VAL B 118 12.56 37.76 -2.99
N LEU B 119 13.03 37.71 -4.23
CA LEU B 119 14.47 37.66 -4.49
C LEU B 119 15.16 38.87 -3.88
N ASP B 120 14.45 39.98 -3.78
CA ASP B 120 15.05 41.17 -3.16
C ASP B 120 15.03 41.20 -1.63
N ARG B 121 13.92 40.75 -1.04
CA ARG B 121 13.82 40.60 0.41
C ARG B 121 14.97 39.72 0.90
N ILE B 122 15.17 38.64 0.16
CA ILE B 122 16.27 37.74 0.48
C ILE B 122 17.53 38.56 0.69
N ASP B 123 17.89 39.39 -0.27
CA ASP B 123 19.07 40.20 -0.08
C ASP B 123 18.98 41.09 1.14
N GLU B 124 17.87 41.78 1.38
CA GLU B 124 17.90 42.62 2.58
C GLU B 124 18.51 41.79 3.71
N LEU B 125 18.00 40.57 3.88
CA LEU B 125 18.51 39.74 4.97
C LEU B 125 20.00 39.39 4.79
N ARG B 126 20.33 38.83 3.63
CA ARG B 126 21.70 38.44 3.28
C ARG B 126 22.69 39.55 3.59
N ARG B 127 22.34 40.76 3.21
CA ARG B 127 23.08 41.98 3.52
C ARG B 127 23.24 42.15 5.02
N ALA B 128 22.15 41.94 5.76
CA ALA B 128 22.23 42.05 7.22
C ALA B 128 23.19 41.05 7.89
N GLU B 129 23.33 39.84 7.34
CA GLU B 129 24.31 38.86 7.89
C GLU B 129 25.77 38.93 7.41
N GLY B 130 25.98 39.39 6.18
CA GLY B 130 27.12 38.94 5.41
C GLY B 130 27.04 39.39 3.96
N ILE B 131 27.53 38.57 3.03
CA ILE B 131 27.75 37.14 3.22
C ILE B 131 27.58 36.51 1.84
N SER C 3 3.23 -13.29 -8.13
CA SER C 3 3.76 -14.65 -8.05
C SER C 3 2.63 -15.67 -7.97
N THR C 4 1.59 -15.30 -7.22
CA THR C 4 0.38 -16.11 -7.13
C THR C 4 -0.64 -15.58 -8.11
N THR C 5 -1.23 -16.49 -8.86
CA THR C 5 -2.10 -16.14 -9.97
C THR C 5 -3.25 -15.33 -9.43
N PHE C 6 -3.95 -14.59 -10.27
CA PHE C 6 -5.12 -13.86 -9.78
C PHE C 6 -6.23 -14.78 -9.22
N ALA C 7 -6.75 -15.69 -10.02
CA ALA C 7 -7.94 -16.44 -9.62
C ALA C 7 -7.75 -17.28 -8.35
N ALA C 8 -6.49 -17.49 -7.97
CA ALA C 8 -6.16 -18.16 -6.73
C ALA C 8 -6.17 -17.17 -5.58
N ARG C 9 -5.64 -15.98 -5.87
CA ARG C 9 -5.75 -14.84 -4.96
C ARG C 9 -7.22 -14.64 -4.62
N LEU C 10 -8.07 -14.77 -5.63
CA LEU C 10 -9.50 -14.63 -5.47
C LEU C 10 -10.11 -15.78 -4.68
N ASN C 11 -9.93 -17.01 -5.13
CA ASN C 11 -10.51 -18.09 -4.37
C ASN C 11 -10.15 -18.05 -2.90
N ARG C 12 -8.93 -17.60 -2.61
CA ARG C 12 -8.52 -17.57 -1.23
C ARG C 12 -9.61 -16.84 -0.46
N LEU C 13 -10.11 -15.77 -1.05
CA LEU C 13 -11.06 -14.87 -0.40
C LEU C 13 -12.37 -15.50 0.01
N PHE C 14 -13.09 -16.09 -0.94
CA PHE C 14 -14.31 -16.75 -0.59
C PHE C 14 -14.01 -17.76 0.49
N ASP C 15 -12.93 -18.50 0.28
CA ASP C 15 -12.66 -19.64 1.14
C ASP C 15 -12.34 -19.27 2.58
N THR C 16 -11.87 -18.05 2.81
CA THR C 16 -11.46 -17.60 4.16
C THR C 16 -12.23 -16.43 4.77
N VAL C 17 -12.36 -15.34 4.05
CA VAL C 17 -13.20 -14.25 4.51
C VAL C 17 -14.70 -14.54 4.37
N TYR C 18 -15.38 -14.49 5.51
CA TYR C 18 -16.83 -14.58 5.58
C TYR C 18 -17.19 -14.48 7.05
N PRO C 19 -18.42 -14.00 7.35
CA PRO C 19 -18.87 -13.52 8.66
C PRO C 19 -19.19 -14.61 9.68
N PRO C 20 -19.21 -14.25 10.97
CA PRO C 20 -19.52 -15.11 12.13
C PRO C 20 -20.81 -15.87 11.98
N GLY C 21 -20.89 -17.04 12.61
CA GLY C 21 -22.11 -17.83 12.66
C GLY C 21 -22.66 -18.41 11.37
N ARG C 22 -21.86 -18.45 10.31
CA ARG C 22 -22.34 -18.95 9.02
C ARG C 22 -21.23 -19.49 8.14
N GLY C 23 -21.62 -20.02 6.99
CA GLY C 23 -20.68 -20.56 6.03
C GLY C 23 -19.95 -19.43 5.33
N PRO C 24 -19.25 -19.73 4.23
CA PRO C 24 -18.51 -18.71 3.49
C PRO C 24 -19.41 -18.13 2.42
N HIS C 25 -18.93 -17.15 1.66
CA HIS C 25 -19.85 -16.53 0.73
C HIS C 25 -19.95 -17.35 -0.52
N THR C 26 -21.17 -17.65 -0.92
CA THR C 26 -21.42 -18.31 -2.18
C THR C 26 -21.09 -17.41 -3.34
N SER C 27 -20.93 -17.99 -4.52
CA SER C 27 -20.54 -17.22 -5.67
C SER C 27 -21.60 -16.18 -5.99
N ALA C 28 -22.87 -16.57 -5.88
CA ALA C 28 -23.96 -15.68 -6.25
C ALA C 28 -24.26 -14.61 -5.21
N GLU C 29 -24.03 -14.92 -3.93
CA GLU C 29 -24.26 -13.95 -2.84
C GLU C 29 -23.60 -12.67 -3.27
N VAL C 30 -22.49 -12.84 -3.98
CA VAL C 30 -21.67 -11.72 -4.41
C VAL C 30 -22.20 -10.95 -5.61
N ILE C 31 -22.66 -11.63 -6.66
CA ILE C 31 -23.23 -10.88 -7.78
C ILE C 31 -24.49 -10.15 -7.34
N ALA C 32 -25.29 -10.78 -6.48
CA ALA C 32 -26.50 -10.16 -5.96
C ALA C 32 -26.15 -8.94 -5.11
N ALA C 33 -25.30 -9.13 -4.10
CA ALA C 33 -24.87 -8.00 -3.27
C ALA C 33 -24.20 -6.91 -4.10
N LEU C 34 -23.64 -7.30 -5.23
CA LEU C 34 -22.98 -6.38 -6.11
C LEU C 34 -24.01 -5.63 -6.94
N LYS C 35 -25.17 -6.23 -7.10
CA LYS C 35 -26.27 -5.58 -7.81
C LYS C 35 -26.94 -4.58 -6.91
N ALA C 36 -27.18 -4.98 -5.68
CA ALA C 36 -27.89 -4.15 -4.73
C ALA C 36 -27.10 -2.89 -4.43
N GLU C 37 -25.80 -2.93 -4.69
CA GLU C 37 -24.96 -1.76 -4.48
C GLU C 37 -24.86 -1.02 -5.79
N GLY C 38 -25.60 -1.50 -6.78
CA GLY C 38 -25.70 -0.82 -8.04
C GLY C 38 -24.64 -1.13 -9.08
N ILE C 39 -24.11 -2.35 -9.04
CA ILE C 39 -23.07 -2.77 -9.98
C ILE C 39 -23.37 -4.08 -10.70
N THR C 40 -23.54 -4.02 -12.02
CA THR C 40 -23.76 -5.24 -12.76
C THR C 40 -22.48 -6.05 -12.80
N MET C 41 -22.62 -7.37 -12.72
CA MET C 41 -21.55 -8.26 -13.08
C MET C 41 -22.16 -9.57 -13.55
N SER C 42 -21.60 -10.17 -14.59
CA SER C 42 -22.13 -11.44 -15.06
C SER C 42 -21.94 -12.49 -13.96
N ALA C 43 -22.81 -13.48 -13.90
CA ALA C 43 -22.53 -14.68 -13.10
C ALA C 43 -21.44 -15.59 -13.71
N PRO C 44 -21.52 -15.88 -15.02
CA PRO C 44 -20.50 -16.69 -15.71
C PRO C 44 -19.16 -15.99 -15.93
N TYR C 45 -19.10 -14.67 -15.83
CA TYR C 45 -17.79 -14.05 -15.85
C TYR C 45 -17.21 -14.23 -14.50
N LEU C 46 -18.05 -14.34 -13.49
CA LEU C 46 -17.50 -14.61 -12.17
C LEU C 46 -17.02 -16.05 -12.08
N SER C 47 -17.84 -17.00 -12.49
CA SER C 47 -17.39 -18.38 -12.48
C SER C 47 -16.14 -18.50 -13.36
N GLN C 48 -16.13 -17.84 -14.51
CA GLN C 48 -14.93 -17.88 -15.35
C GLN C 48 -13.69 -17.38 -14.63
N LEU C 49 -13.70 -16.14 -14.15
CA LEU C 49 -12.55 -15.62 -13.41
C LEU C 49 -12.12 -16.53 -12.30
N ARG C 50 -13.08 -16.94 -11.48
CA ARG C 50 -12.84 -17.72 -10.28
C ARG C 50 -12.17 -19.04 -10.63
N SER C 51 -12.63 -19.67 -11.73
CA SER C 51 -12.17 -21.00 -12.14
C SER C 51 -10.89 -21.00 -12.96
N GLY C 52 -10.39 -19.82 -13.34
CA GLY C 52 -9.16 -19.74 -14.07
C GLY C 52 -9.38 -19.62 -15.56
N ASN C 53 -10.58 -19.95 -16.01
CA ASN C 53 -10.89 -19.90 -17.44
C ASN C 53 -10.65 -18.57 -18.17
N ARG C 54 -10.53 -17.47 -17.42
CA ARG C 54 -10.17 -16.17 -17.96
C ARG C 54 -9.42 -15.36 -16.91
N THR C 55 -8.37 -14.65 -17.29
CA THR C 55 -7.61 -13.80 -16.35
C THR C 55 -7.45 -12.39 -16.93
N ASN C 56 -6.63 -11.56 -16.29
CA ASN C 56 -6.47 -10.18 -16.72
C ASN C 56 -7.82 -9.46 -16.75
N PRO C 57 -8.45 -9.29 -15.57
CA PRO C 57 -9.76 -8.68 -15.52
C PRO C 57 -9.64 -7.16 -15.56
N SER C 58 -10.77 -6.46 -15.60
CA SER C 58 -10.80 -5.02 -15.71
C SER C 58 -10.21 -4.42 -14.45
N GLY C 59 -9.73 -3.19 -14.54
CA GLY C 59 -9.20 -2.55 -13.36
C GLY C 59 -10.28 -2.53 -12.29
N ALA C 60 -11.45 -2.05 -12.66
CA ALA C 60 -12.50 -1.89 -11.68
C ALA C 60 -13.10 -3.22 -11.29
N THR C 61 -13.08 -4.21 -12.18
CA THR C 61 -13.62 -5.54 -11.86
C THR C 61 -12.99 -6.13 -10.59
N MET C 62 -11.76 -5.74 -10.32
CA MET C 62 -11.06 -6.18 -9.13
C MET C 62 -11.54 -5.38 -7.94
N ALA C 63 -11.60 -4.07 -8.10
CA ALA C 63 -12.01 -3.19 -7.03
C ALA C 63 -13.43 -3.50 -6.53
N ALA C 64 -14.28 -3.90 -7.46
CA ALA C 64 -15.65 -4.28 -7.18
C ALA C 64 -15.73 -5.42 -6.17
N LEU C 65 -14.88 -6.42 -6.36
CA LEU C 65 -14.86 -7.60 -5.51
C LEU C 65 -14.10 -7.34 -4.24
N ALA C 66 -13.08 -6.52 -4.34
CA ALA C 66 -12.25 -6.23 -3.20
C ALA C 66 -13.09 -5.56 -2.16
N ASN C 67 -13.95 -4.65 -2.58
CA ASN C 67 -14.77 -3.98 -1.58
C ASN C 67 -15.98 -4.80 -1.15
N PHE C 68 -16.23 -5.94 -1.77
CA PHE C 68 -17.31 -6.81 -1.30
C PHE C 68 -16.92 -7.56 -0.04
N PHE C 69 -15.65 -7.93 0.05
CA PHE C 69 -15.10 -8.59 1.23
C PHE C 69 -14.50 -7.52 2.10
N ARG C 70 -14.52 -6.29 1.59
CA ARG C 70 -14.06 -5.15 2.35
C ARG C 70 -12.57 -5.16 2.64
N ILE C 71 -11.74 -5.57 1.66
CA ILE C 71 -10.27 -5.34 1.68
C ILE C 71 -9.80 -4.54 0.46
N LYS C 72 -8.63 -3.90 0.54
CA LYS C 72 -8.17 -3.01 -0.53
C LYS C 72 -7.96 -3.78 -1.81
N ALA C 73 -8.09 -3.10 -2.95
CA ALA C 73 -7.90 -3.78 -4.24
C ALA C 73 -6.43 -4.09 -4.48
N ALA C 74 -5.58 -3.42 -3.71
CA ALA C 74 -4.14 -3.68 -3.77
C ALA C 74 -3.85 -5.16 -3.51
N TYR C 75 -4.71 -5.80 -2.73
CA TYR C 75 -4.55 -7.20 -2.48
C TYR C 75 -4.29 -7.92 -3.78
N PHE C 76 -5.04 -7.60 -4.81
CA PHE C 76 -4.81 -8.25 -6.10
C PHE C 76 -3.61 -7.68 -6.85
N THR C 77 -3.51 -6.36 -6.91
CA THR C 77 -2.46 -5.72 -7.69
C THR C 77 -1.14 -5.71 -6.93
N ASP C 78 -1.08 -5.01 -5.80
CA ASP C 78 0.16 -4.88 -5.06
C ASP C 78 0.64 -6.24 -4.54
N ASP C 79 1.85 -6.64 -4.94
CA ASP C 79 2.36 -7.94 -4.54
C ASP C 79 2.86 -7.79 -3.10
N GLU C 80 3.25 -6.59 -2.70
CA GLU C 80 3.64 -6.38 -1.31
C GLU C 80 2.46 -6.57 -0.35
N TYR C 81 1.51 -5.64 -0.39
CA TYR C 81 0.37 -5.68 0.52
C TYR C 81 -0.27 -7.05 0.59
N TYR C 82 -0.26 -7.76 -0.53
CA TYR C 82 -0.74 -9.12 -0.55
C TYR C 82 -0.09 -9.87 0.60
N GLU C 83 1.22 -10.04 0.55
CA GLU C 83 1.96 -10.72 1.61
C GLU C 83 1.59 -10.20 2.98
N LYS C 84 1.72 -8.88 3.16
CA LYS C 84 1.45 -8.23 4.45
C LYS C 84 0.10 -8.65 5.03
N LEU C 85 -0.84 -8.90 4.12
CA LEU C 85 -2.19 -9.29 4.46
C LEU C 85 -2.43 -10.79 4.37
N ASP C 86 -1.46 -11.56 3.90
CA ASP C 86 -1.72 -12.96 3.70
C ASP C 86 -1.57 -13.75 4.98
N LYS C 87 -0.60 -13.35 5.79
CA LYS C 87 -0.42 -13.96 7.09
C LYS C 87 -1.79 -13.96 7.76
N GLU C 88 -2.55 -12.91 7.48
CA GLU C 88 -3.82 -12.68 8.13
C GLU C 88 -4.87 -13.75 7.90
N LEU C 89 -5.21 -13.98 6.65
CA LEU C 89 -6.22 -14.97 6.35
C LEU C 89 -5.81 -16.35 6.90
N GLN C 90 -4.51 -16.61 6.86
CA GLN C 90 -3.96 -17.79 7.53
C GLN C 90 -4.38 -17.75 8.98
N TRP C 91 -4.32 -16.58 9.60
CA TRP C 91 -4.79 -16.55 10.98
C TRP C 91 -6.27 -16.78 11.19
N LEU C 92 -7.13 -16.22 10.35
CA LEU C 92 -8.56 -16.55 10.50
C LEU C 92 -8.73 -18.05 10.45
N CYS C 93 -8.30 -18.61 9.32
CA CYS C 93 -8.50 -20.03 9.07
C CYS C 93 -8.00 -20.81 10.28
N THR C 94 -6.97 -20.28 10.95
CA THR C 94 -6.46 -20.90 12.18
C THR C 94 -7.44 -20.68 13.32
N MET C 95 -7.95 -19.47 13.42
CA MET C 95 -8.86 -19.14 14.51
C MET C 95 -10.20 -19.95 14.52
N ARG C 96 -10.56 -20.46 13.33
CA ARG C 96 -11.65 -21.41 13.26
C ARG C 96 -11.45 -22.90 13.57
N ASP C 97 -10.29 -23.45 13.18
CA ASP C 97 -10.00 -24.86 13.42
C ASP C 97 -10.25 -25.18 14.88
N ASP C 98 -11.02 -26.24 15.11
CA ASP C 98 -11.47 -26.56 16.45
C ASP C 98 -10.40 -27.10 17.37
N GLY C 99 -9.43 -27.84 16.85
CA GLY C 99 -8.33 -28.29 17.67
C GLY C 99 -7.63 -27.11 18.33
N VAL C 100 -7.16 -26.19 17.50
CA VAL C 100 -6.46 -25.03 18.02
C VAL C 100 -7.29 -24.41 19.10
N ARG C 101 -8.59 -24.34 18.85
CA ARG C 101 -9.51 -23.76 19.81
C ARG C 101 -9.46 -24.46 21.16
N ARG C 102 -9.83 -25.74 21.20
CA ARG C 102 -9.88 -26.44 22.46
C ARG C 102 -8.56 -26.30 23.20
N ILE C 103 -7.46 -26.42 22.49
CA ILE C 103 -6.15 -26.16 23.07
C ILE C 103 -6.08 -24.78 23.77
N ALA C 104 -6.16 -23.72 22.98
CA ALA C 104 -6.00 -22.38 23.52
C ALA C 104 -6.92 -22.11 24.68
N GLN C 105 -8.14 -22.63 24.65
CA GLN C 105 -9.07 -22.34 25.72
C GLN C 105 -8.52 -22.83 27.04
N ARG C 106 -7.81 -23.96 27.00
CA ARG C 106 -7.21 -24.55 28.20
C ARG C 106 -5.85 -23.96 28.58
N ALA C 107 -5.08 -23.52 27.57
CA ALA C 107 -3.80 -22.83 27.83
C ALA C 107 -4.02 -21.40 28.30
N HIS C 108 -5.28 -20.98 28.26
CA HIS C 108 -5.68 -19.72 28.80
C HIS C 108 -5.79 -19.92 30.30
N GLY C 109 -5.26 -18.97 31.05
CA GLY C 109 -5.22 -19.05 32.50
C GLY C 109 -3.90 -19.66 32.90
N LEU C 110 -3.02 -19.81 31.90
CA LEU C 110 -1.70 -20.38 32.13
C LEU C 110 -0.60 -19.32 32.09
N PRO C 111 0.26 -19.40 33.10
CA PRO C 111 1.40 -18.51 33.38
C PRO C 111 2.49 -18.52 32.32
N SER C 112 3.31 -17.47 32.28
CA SER C 112 4.25 -17.28 31.18
C SER C 112 5.34 -18.33 30.95
N ALA C 113 6.00 -18.74 32.01
CA ALA C 113 7.04 -19.76 31.92
C ALA C 113 6.45 -21.10 31.50
N ALA C 114 5.26 -21.36 32.03
CA ALA C 114 4.56 -22.63 31.92
C ALA C 114 3.96 -22.77 30.53
N GLN C 115 3.60 -21.66 29.92
CA GLN C 115 3.09 -21.69 28.56
C GLN C 115 4.19 -22.12 27.60
N GLN C 116 5.42 -21.75 27.95
CA GLN C 116 6.58 -22.13 27.14
C GLN C 116 6.73 -23.63 27.01
N LYS C 117 6.84 -24.31 28.14
CA LYS C 117 7.02 -25.75 28.13
C LYS C 117 5.98 -26.40 27.23
N VAL C 118 4.77 -25.88 27.29
CA VAL C 118 3.71 -26.31 26.40
C VAL C 118 4.08 -26.11 24.93
N LEU C 119 4.35 -24.86 24.56
CA LEU C 119 4.63 -24.57 23.16
C LEU C 119 5.94 -25.19 22.65
N ASP C 120 6.75 -25.73 23.55
CA ASP C 120 7.90 -26.52 23.14
C ASP C 120 7.50 -27.96 22.85
N ARG C 121 6.70 -28.54 23.74
CA ARG C 121 6.10 -29.84 23.44
C ARG C 121 5.47 -29.84 22.04
N ILE C 122 4.81 -28.73 21.69
CA ILE C 122 4.22 -28.63 20.35
C ILE C 122 5.27 -28.76 19.28
N ASP C 123 6.43 -28.14 19.48
CA ASP C 123 7.46 -28.17 18.46
C ASP C 123 8.20 -29.49 18.39
N GLU C 124 8.14 -30.28 19.45
CA GLU C 124 8.73 -31.61 19.37
C GLU C 124 7.77 -32.53 18.65
N LEU C 125 6.48 -32.27 18.78
CA LEU C 125 5.52 -33.07 18.00
C LEU C 125 5.47 -32.65 16.54
N ARG C 126 5.70 -31.37 16.29
CA ARG C 126 5.84 -30.89 14.93
C ARG C 126 7.09 -31.51 14.33
N ARG C 127 8.20 -31.45 15.05
CA ARG C 127 9.45 -32.04 14.58
C ARG C 127 9.23 -33.51 14.24
N ALA C 128 8.56 -34.19 15.16
CA ALA C 128 8.39 -35.62 15.12
C ALA C 128 7.22 -36.05 14.24
N GLU C 129 6.58 -35.09 13.59
CA GLU C 129 5.55 -35.41 12.62
C GLU C 129 6.01 -35.33 11.17
N GLY C 130 7.23 -34.89 10.93
CA GLY C 130 7.65 -34.60 9.58
C GLY C 130 7.00 -33.32 9.06
N ILE C 131 6.34 -32.61 9.97
CA ILE C 131 5.86 -31.27 9.70
C ILE C 131 6.95 -30.21 9.78
N ASP C 132 7.64 -30.16 10.91
CA ASP C 132 8.69 -29.17 11.15
C ASP C 132 10.07 -29.72 10.84
N ALA C 133 10.18 -31.02 10.65
CA ALA C 133 11.47 -31.63 10.34
C ALA C 133 12.19 -30.87 9.23
N SER D 3 -32.20 -8.87 29.91
CA SER D 3 -31.12 -9.18 28.98
C SER D 3 -30.11 -8.03 28.93
N THR D 4 -29.61 -7.73 27.72
CA THR D 4 -28.65 -6.64 27.55
C THR D 4 -29.17 -5.53 26.63
N THR D 5 -28.89 -4.29 27.04
CA THR D 5 -29.35 -3.12 26.31
C THR D 5 -28.89 -3.28 24.89
N PHE D 6 -29.80 -3.08 23.95
CA PHE D 6 -29.46 -3.11 22.54
C PHE D 6 -28.29 -2.19 22.28
N ALA D 7 -28.28 -1.05 22.95
CA ALA D 7 -27.17 -0.12 22.82
C ALA D 7 -25.82 -0.85 22.96
N ALA D 8 -25.72 -1.77 23.92
CA ALA D 8 -24.49 -2.51 24.11
C ALA D 8 -24.34 -3.65 23.12
N ARG D 9 -25.45 -4.27 22.74
CA ARG D 9 -25.41 -5.33 21.74
C ARG D 9 -24.89 -4.84 20.41
N LEU D 10 -25.04 -3.55 20.15
CA LEU D 10 -24.53 -2.95 18.92
C LEU D 10 -23.04 -2.72 19.00
N ASN D 11 -22.58 -2.13 20.09
CA ASN D 11 -21.16 -1.89 20.23
C ASN D 11 -20.35 -3.19 20.31
N ARG D 12 -20.98 -4.25 20.79
CA ARG D 12 -20.36 -5.56 20.68
C ARG D 12 -19.87 -5.70 19.25
N LEU D 13 -20.82 -5.78 18.32
CA LEU D 13 -20.48 -5.93 16.91
C LEU D 13 -19.43 -4.95 16.52
N PHE D 14 -19.67 -3.67 16.75
CA PHE D 14 -18.73 -2.67 16.23
C PHE D 14 -17.28 -3.00 16.60
N ASP D 15 -17.10 -3.44 17.83
CA ASP D 15 -15.76 -3.65 18.38
C ASP D 15 -15.19 -5.05 18.20
N THR D 16 -16.02 -6.03 17.83
CA THR D 16 -15.53 -7.38 17.56
C THR D 16 -15.46 -7.73 16.08
N VAL D 17 -16.57 -7.59 15.36
CA VAL D 17 -16.59 -7.83 13.91
C VAL D 17 -16.04 -6.70 13.02
N TYR D 18 -14.90 -6.96 12.39
CA TYR D 18 -14.29 -6.10 11.37
C TYR D 18 -13.53 -6.92 10.32
N PRO D 19 -13.21 -6.30 9.17
CA PRO D 19 -12.56 -7.13 8.15
C PRO D 19 -11.10 -7.37 8.51
N PRO D 20 -10.42 -8.23 7.73
CA PRO D 20 -9.01 -8.52 7.98
C PRO D 20 -8.13 -7.38 7.49
N GLY D 21 -7.00 -7.17 8.14
CA GLY D 21 -6.03 -6.20 7.67
C GLY D 21 -6.31 -4.78 8.12
N ARG D 22 -7.24 -4.64 9.08
CA ARG D 22 -7.55 -3.35 9.67
C ARG D 22 -8.24 -3.47 11.01
N GLY D 23 -8.67 -2.32 11.53
CA GLY D 23 -9.30 -2.25 12.84
C GLY D 23 -10.82 -2.25 12.78
N PRO D 24 -11.48 -1.76 13.84
CA PRO D 24 -12.95 -1.80 13.92
C PRO D 24 -13.55 -0.77 12.99
N HIS D 25 -14.84 -0.91 12.70
CA HIS D 25 -15.58 -0.06 11.76
C HIS D 25 -15.96 1.33 12.34
N THR D 26 -15.69 2.43 11.63
CA THR D 26 -16.10 3.74 12.14
C THR D 26 -17.59 3.91 11.99
N SER D 27 -18.18 4.74 12.83
CA SER D 27 -19.62 4.91 12.79
C SER D 27 -20.07 5.43 11.43
N ALA D 28 -19.26 6.27 10.81
CA ALA D 28 -19.62 6.85 9.52
C ALA D 28 -19.46 5.92 8.31
N GLU D 29 -18.50 4.99 8.39
CA GLU D 29 -18.32 3.96 7.38
C GLU D 29 -19.67 3.34 7.13
N VAL D 30 -20.30 2.96 8.24
CA VAL D 30 -21.62 2.37 8.25
C VAL D 30 -22.66 3.23 7.49
N ILE D 31 -22.92 4.43 7.98
CA ILE D 31 -23.92 5.29 7.36
C ILE D 31 -23.68 5.37 5.88
N ALA D 32 -22.43 5.62 5.51
CA ALA D 32 -22.10 5.85 4.11
C ALA D 32 -22.35 4.59 3.27
N ALA D 33 -22.07 3.43 3.86
CA ALA D 33 -22.29 2.13 3.24
C ALA D 33 -23.78 1.86 3.00
N LEU D 34 -24.57 2.16 4.02
CA LEU D 34 -26.03 2.14 3.92
C LEU D 34 -26.45 3.00 2.76
N LYS D 35 -26.02 4.25 2.76
CA LYS D 35 -26.34 5.16 1.68
C LYS D 35 -26.04 4.51 0.34
N ALA D 36 -24.88 3.88 0.23
CA ALA D 36 -24.48 3.16 -0.99
C ALA D 36 -25.53 2.14 -1.43
N GLU D 37 -25.96 1.29 -0.50
CA GLU D 37 -27.00 0.30 -0.75
C GLU D 37 -28.31 0.96 -1.21
N GLY D 38 -28.50 2.24 -0.90
CA GLY D 38 -29.75 2.91 -1.23
C GLY D 38 -30.59 3.23 -0.01
N ILE D 39 -30.24 2.62 1.12
CA ILE D 39 -30.89 2.91 2.41
C ILE D 39 -30.32 4.16 3.07
N THR D 40 -31.13 4.82 3.89
CA THR D 40 -30.70 6.08 4.49
C THR D 40 -30.94 6.17 5.99
N MET D 41 -29.93 6.64 6.72
CA MET D 41 -30.01 6.82 8.16
C MET D 41 -29.09 7.98 8.53
N SER D 42 -29.25 8.52 9.72
CA SER D 42 -28.47 9.69 10.13
C SER D 42 -27.45 9.36 11.18
N ALA D 43 -26.24 9.86 11.00
CA ALA D 43 -25.17 9.63 11.96
C ALA D 43 -25.54 10.07 13.39
N PRO D 44 -26.28 11.18 13.52
CA PRO D 44 -26.85 11.55 14.82
C PRO D 44 -27.78 10.47 15.39
N TYR D 45 -28.57 9.82 14.54
CA TYR D 45 -29.46 8.76 15.03
C TYR D 45 -28.61 7.62 15.49
N LEU D 46 -27.80 7.09 14.58
CA LEU D 46 -26.96 5.96 14.89
C LEU D 46 -26.22 6.21 16.20
N SER D 47 -25.37 7.24 16.18
CA SER D 47 -24.55 7.59 17.31
C SER D 47 -25.42 7.72 18.53
N GLN D 48 -26.68 8.09 18.32
CA GLN D 48 -27.61 8.24 19.41
C GLN D 48 -27.98 6.87 19.98
N LEU D 49 -28.17 5.91 19.10
CA LEU D 49 -28.48 4.54 19.47
C LEU D 49 -27.44 3.84 20.30
N ARG D 50 -26.18 4.07 19.94
CA ARG D 50 -25.03 3.50 20.64
C ARG D 50 -24.74 4.23 21.95
N SER D 51 -25.02 5.53 21.96
CA SER D 51 -24.90 6.34 23.17
C SER D 51 -25.93 5.85 24.19
N GLY D 52 -27.13 5.54 23.72
CA GLY D 52 -28.18 5.09 24.59
C GLY D 52 -29.24 6.13 24.85
N ASN D 53 -29.25 7.18 24.06
CA ASN D 53 -30.31 8.19 24.16
C ASN D 53 -31.47 7.91 23.22
N ARG D 54 -31.43 6.75 22.59
CA ARG D 54 -32.57 6.24 21.86
C ARG D 54 -32.62 4.71 22.01
N THR D 55 -33.82 4.16 22.08
CA THR D 55 -34.04 2.74 22.33
C THR D 55 -34.99 2.14 21.30
N ASN D 56 -35.42 0.89 21.52
CA ASN D 56 -36.49 0.28 20.74
C ASN D 56 -36.58 0.47 19.23
N PRO D 57 -35.44 0.53 18.55
CA PRO D 57 -35.33 0.91 17.14
C PRO D 57 -36.23 0.17 16.15
N SER D 58 -36.38 0.75 14.96
CA SER D 58 -37.29 0.21 13.96
C SER D 58 -36.91 -1.19 13.55
N GLY D 59 -37.90 -2.04 13.28
CA GLY D 59 -37.59 -3.37 12.78
C GLY D 59 -36.79 -3.22 11.49
N ALA D 60 -36.89 -2.05 10.87
CA ALA D 60 -36.19 -1.74 9.63
C ALA D 60 -34.75 -1.29 9.80
N THR D 61 -34.47 -0.47 10.81
CA THR D 61 -33.09 -0.03 11.04
C THR D 61 -32.25 -1.19 11.61
N MET D 62 -32.84 -1.97 12.51
CA MET D 62 -32.22 -3.21 12.96
C MET D 62 -31.81 -4.11 11.77
N ALA D 63 -32.65 -4.17 10.73
CA ALA D 63 -32.32 -4.95 9.57
C ALA D 63 -31.17 -4.29 8.83
N ALA D 64 -31.22 -2.97 8.70
CA ALA D 64 -30.22 -2.26 7.91
C ALA D 64 -28.85 -2.34 8.55
N LEU D 65 -28.81 -2.65 9.84
CA LEU D 65 -27.54 -2.84 10.51
C LEU D 65 -27.10 -4.28 10.41
N ALA D 66 -27.91 -5.19 10.91
CA ALA D 66 -27.55 -6.60 10.85
C ALA D 66 -27.12 -7.09 9.45
N ASN D 67 -27.59 -6.47 8.37
CA ASN D 67 -27.16 -6.88 7.02
C ASN D 67 -25.88 -6.21 6.52
N PHE D 68 -25.50 -5.11 7.15
CA PHE D 68 -24.22 -4.50 6.84
C PHE D 68 -23.13 -5.22 7.61
N PHE D 69 -23.51 -5.76 8.75
CA PHE D 69 -22.62 -6.56 9.56
C PHE D 69 -22.70 -8.03 9.13
N ARG D 70 -23.51 -8.27 8.12
CA ARG D 70 -23.71 -9.60 7.55
C ARG D 70 -24.07 -10.67 8.56
N ILE D 71 -24.75 -10.29 9.63
CA ILE D 71 -25.23 -11.30 10.58
C ILE D 71 -26.75 -11.40 10.50
N LYS D 72 -27.33 -12.25 11.35
CA LYS D 72 -28.78 -12.36 11.43
C LYS D 72 -29.29 -11.27 12.36
N ALA D 73 -30.49 -10.75 12.09
CA ALA D 73 -31.04 -9.70 12.95
C ALA D 73 -31.54 -10.26 14.29
N ALA D 74 -31.78 -11.55 14.32
CA ALA D 74 -32.23 -12.21 15.54
C ALA D 74 -31.17 -12.04 16.62
N TYR D 75 -30.01 -11.51 16.21
CA TYR D 75 -28.97 -11.23 17.18
C TYR D 75 -29.51 -10.24 18.22
N PHE D 76 -30.17 -9.19 17.73
CA PHE D 76 -30.67 -8.08 18.52
C PHE D 76 -31.94 -8.41 19.29
N THR D 77 -32.77 -9.27 18.70
CA THR D 77 -34.07 -9.62 19.26
C THR D 77 -34.10 -10.88 20.13
N ASP D 78 -33.67 -12.00 19.55
CA ASP D 78 -33.66 -13.30 20.21
C ASP D 78 -32.53 -13.28 21.24
N ASP D 79 -32.82 -13.79 22.45
CA ASP D 79 -31.82 -13.84 23.52
C ASP D 79 -30.96 -15.11 23.43
N GLU D 80 -31.44 -16.09 22.66
CA GLU D 80 -30.75 -17.37 22.55
C GLU D 80 -29.70 -17.32 21.47
N TYR D 81 -30.14 -17.15 20.24
CA TYR D 81 -29.23 -17.01 19.13
C TYR D 81 -28.22 -15.93 19.48
N TYR D 82 -28.57 -15.06 20.41
CA TYR D 82 -27.65 -14.01 20.82
C TYR D 82 -26.49 -14.52 21.62
N GLU D 83 -26.75 -15.35 22.62
CA GLU D 83 -25.66 -15.87 23.42
C GLU D 83 -24.87 -16.88 22.62
N LYS D 84 -25.63 -17.71 21.90
CA LYS D 84 -25.09 -18.73 21.01
C LYS D 84 -24.18 -18.16 19.92
N LEU D 85 -24.47 -16.96 19.46
CA LEU D 85 -23.58 -16.27 18.55
C LEU D 85 -22.62 -15.35 19.28
N ASP D 86 -22.84 -15.16 20.56
CA ASP D 86 -21.92 -14.34 21.32
C ASP D 86 -20.71 -15.16 21.71
N LYS D 87 -20.88 -16.48 21.73
CA LYS D 87 -19.76 -17.36 21.94
C LYS D 87 -18.80 -17.16 20.81
N GLU D 88 -19.38 -17.19 19.63
CA GLU D 88 -18.64 -17.07 18.41
C GLU D 88 -17.78 -15.84 18.39
N LEU D 89 -18.20 -14.78 19.05
CA LEU D 89 -17.36 -13.59 19.15
C LEU D 89 -16.39 -13.78 20.29
N GLN D 90 -16.91 -14.32 21.38
CA GLN D 90 -16.20 -14.45 22.64
C GLN D 90 -14.88 -15.16 22.42
N TRP D 91 -14.86 -15.92 21.35
CA TRP D 91 -13.71 -16.67 20.89
C TRP D 91 -12.78 -15.77 20.14
N LEU D 92 -13.35 -15.20 19.09
CA LEU D 92 -12.62 -14.31 18.24
C LEU D 92 -11.75 -13.33 19.06
N CYS D 93 -12.26 -12.86 20.20
CA CYS D 93 -11.48 -12.01 21.12
C CYS D 93 -10.43 -12.73 21.98
N THR D 94 -10.85 -13.67 22.82
CA THR D 94 -9.92 -14.32 23.77
C THR D 94 -8.63 -14.73 23.06
N MET D 95 -8.76 -15.11 21.79
CA MET D 95 -7.65 -15.63 20.99
C MET D 95 -6.60 -14.64 20.50
N ARG D 96 -6.99 -13.41 20.20
CA ARG D 96 -6.07 -12.47 19.55
C ARG D 96 -5.14 -11.96 20.67
N ASP D 97 -5.34 -12.50 21.86
CA ASP D 97 -4.43 -12.32 22.96
C ASP D 97 -3.09 -12.88 22.47
N ASP D 98 -2.00 -12.49 23.13
CA ASP D 98 -0.64 -12.86 22.72
C ASP D 98 -0.12 -14.19 23.24
N GLY D 99 -0.12 -14.38 24.56
CA GLY D 99 0.42 -15.60 25.12
C GLY D 99 -0.03 -16.80 24.30
N VAL D 100 -1.29 -16.76 23.88
CA VAL D 100 -1.92 -17.82 23.10
C VAL D 100 -1.74 -17.71 21.58
N ARG D 101 -1.42 -16.53 21.07
CA ARG D 101 -1.35 -16.39 19.63
C ARG D 101 -0.25 -17.29 19.14
N ARG D 102 0.92 -17.10 19.74
CA ARG D 102 2.14 -17.82 19.35
C ARG D 102 1.94 -19.31 19.24
N ILE D 103 1.41 -19.90 20.30
CA ILE D 103 1.23 -21.35 20.38
C ILE D 103 0.06 -21.90 19.54
N ALA D 104 -1.04 -21.17 19.50
CA ALA D 104 -2.17 -21.59 18.68
C ALA D 104 -1.73 -21.62 17.23
N GLN D 105 -0.82 -20.73 16.86
CA GLN D 105 -0.31 -20.74 15.49
C GLN D 105 0.46 -22.01 15.17
N ARG D 106 1.29 -22.46 16.10
CA ARG D 106 2.14 -23.63 15.87
C ARG D 106 1.37 -24.91 16.11
N ALA D 107 0.18 -24.79 16.67
CA ALA D 107 -0.65 -25.98 16.90
C ALA D 107 -1.37 -26.46 15.64
N HIS D 108 -1.63 -25.55 14.72
CA HIS D 108 -2.40 -25.87 13.51
C HIS D 108 -1.65 -26.92 12.69
N GLY D 109 -2.38 -27.94 12.25
CA GLY D 109 -1.80 -28.89 11.31
C GLY D 109 -1.29 -30.16 11.95
N LEU D 110 -1.17 -30.18 13.28
CA LEU D 110 -0.88 -31.44 13.94
C LEU D 110 -2.07 -32.36 13.77
N PRO D 111 -1.84 -33.55 13.22
CA PRO D 111 -2.93 -34.51 13.09
C PRO D 111 -3.69 -34.57 14.41
N SER D 112 -5.00 -34.76 14.33
CA SER D 112 -5.85 -34.70 15.52
C SER D 112 -5.48 -35.80 16.51
N ALA D 113 -4.59 -36.69 16.10
CA ALA D 113 -4.04 -37.70 16.99
C ALA D 113 -2.97 -37.10 17.91
N ALA D 114 -2.09 -36.31 17.30
CA ALA D 114 -0.97 -35.70 18.01
C ALA D 114 -1.47 -34.58 18.91
N GLN D 115 -2.43 -33.83 18.41
CA GLN D 115 -3.04 -32.79 19.20
C GLN D 115 -3.40 -33.33 20.60
N GLN D 116 -3.98 -34.51 20.62
CA GLN D 116 -4.41 -35.10 21.89
C GLN D 116 -3.29 -35.07 22.92
N LYS D 117 -2.11 -35.56 22.53
CA LYS D 117 -0.94 -35.59 23.40
C LYS D 117 -0.58 -34.21 23.97
N VAL D 118 -0.88 -33.17 23.20
CA VAL D 118 -0.69 -31.81 23.67
C VAL D 118 -1.74 -31.42 24.70
N LEU D 119 -3.00 -31.85 24.49
CA LEU D 119 -4.01 -31.61 25.52
C LEU D 119 -3.61 -32.24 26.85
N ASP D 120 -3.10 -33.46 26.77
CA ASP D 120 -2.69 -34.17 27.98
C ASP D 120 -1.50 -33.47 28.64
N ARG D 121 -0.54 -33.11 27.80
CA ARG D 121 0.56 -32.28 28.26
C ARG D 121 0.05 -31.12 29.09
N ILE D 122 -0.75 -30.24 28.47
CA ILE D 122 -1.29 -29.10 29.19
C ILE D 122 -1.80 -29.44 30.57
N ASP D 123 -2.68 -30.44 30.65
CA ASP D 123 -3.18 -30.82 31.96
C ASP D 123 -2.09 -31.07 33.01
N GLU D 124 -0.98 -31.65 32.55
CA GLU D 124 0.15 -31.88 33.46
C GLU D 124 0.42 -30.58 34.21
N LEU D 125 0.58 -29.50 33.46
CA LEU D 125 0.93 -28.21 34.04
C LEU D 125 -0.24 -27.57 34.82
N ARG D 126 -1.44 -27.69 34.24
CA ARG D 126 -2.65 -27.25 34.91
C ARG D 126 -2.52 -27.75 36.32
N ARG D 127 -2.48 -29.07 36.42
CA ARG D 127 -2.32 -29.78 37.68
C ARG D 127 -1.18 -29.25 38.55
N ALA D 128 -0.02 -29.06 37.95
CA ALA D 128 1.16 -28.58 38.66
C ALA D 128 1.02 -27.22 39.33
N GLU D 129 0.13 -26.38 38.82
CA GLU D 129 -0.16 -25.09 39.50
C GLU D 129 -1.39 -25.09 40.41
N GLY D 130 -2.02 -26.25 40.59
CA GLY D 130 -3.21 -26.36 41.41
C GLY D 130 -4.44 -25.77 40.75
N ILE D 131 -4.67 -26.12 39.49
CA ILE D 131 -5.77 -25.55 38.72
C ILE D 131 -6.28 -26.56 37.69
#